data_7QU5
#
_entry.id   7QU5
#
_cell.length_a   49.358
_cell.length_b   59.908
_cell.length_c   102.390
_cell.angle_alpha   90.000
_cell.angle_beta   90.000
_cell.angle_gamma   90.000
#
_symmetry.space_group_name_H-M   'P 21 21 21'
#
loop_
_entity.id
_entity.type
_entity.pdbx_description
1 polymer 'Na(+)-translocating NADH-quinone reductase subunit F'
2 non-polymer 'FLAVIN-ADENINE DINUCLEOTIDE'
3 non-polymer 'MAGNESIUM ION'
4 non-polymer gamma-Valerolactone
5 non-polymer 'DIMETHYL SULFOXIDE'
6 water water
#
_entity_poly.entity_id   1
_entity_poly.type   'polypeptide(L)'
_entity_poly.pdbx_seq_one_letter_code
;GPVKKWECTVESNPNVATFIKELTLRLPDGESVDFRAGGYVQLECPPHVVEYKDFDIQPEYRGDWDKFNMWRYVSKVDET
VIRAYSMANYPEEQGVVKFNIRIASPPPGSDLPPGQMSSWVFNLKPGDKVTVYGPFGEFFAKDTEAEMVFIGGGAGMAPM
RSHIFDQLRRLKSNRKISFWYGARSLREAFYTEEYDQLQAENPNFQWHLALSDPQPEDNWTGLTGFIHNVLFENYLKDHP
APEDCEFYMCGPPMMNAAVIKMLTDLGVERENILLDDFGG
;
_entity_poly.pdbx_strand_id   A
#
# COMPACT_ATOMS: atom_id res chain seq x y z
N GLY A 1 -16.85 0.80 19.11
CA GLY A 1 -18.15 0.15 19.07
C GLY A 1 -18.22 -1.03 18.13
N PRO A 2 -19.39 -1.68 18.04
CA PRO A 2 -19.51 -2.89 17.20
C PRO A 2 -19.14 -2.63 15.74
N VAL A 3 -18.74 -3.72 15.09
CA VAL A 3 -18.37 -3.65 13.69
C VAL A 3 -19.56 -3.18 12.85
N LYS A 4 -19.30 -2.26 11.94
CA LYS A 4 -20.28 -1.78 10.96
C LYS A 4 -20.07 -2.51 9.63
N LYS A 5 -21.11 -2.49 8.80
CA LYS A 5 -21.11 -3.25 7.56
C LYS A 5 -21.73 -2.42 6.45
N TRP A 6 -21.09 -2.40 5.29
CA TRP A 6 -21.58 -1.63 4.15
C TRP A 6 -21.54 -2.47 2.90
N GLU A 7 -22.63 -2.52 2.15
N GLU A 7 -22.63 -2.46 2.13
CA GLU A 7 -22.61 -3.09 0.80
CA GLU A 7 -22.65 -3.06 0.81
C GLU A 7 -22.20 -1.99 -0.16
C GLU A 7 -22.22 -1.98 -0.19
N CYS A 8 -20.98 -2.08 -0.68
CA CYS A 8 -20.42 -1.06 -1.54
C CYS A 8 -20.45 -1.47 -3.00
N THR A 9 -20.19 -0.50 -3.86
CA THR A 9 -20.12 -0.73 -5.30
C THR A 9 -18.72 -0.39 -5.79
N VAL A 10 -18.19 -1.25 -6.66
CA VAL A 10 -16.88 -0.95 -7.26
C VAL A 10 -17.01 0.26 -8.18
N GLU A 11 -16.22 1.31 -7.90
CA GLU A 11 -16.14 2.47 -8.79
C GLU A 11 -15.05 2.30 -9.84
N SER A 12 -13.90 1.79 -9.45
CA SER A 12 -12.76 1.65 -10.36
C SER A 12 -11.82 0.62 -9.76
N ASN A 13 -11.06 -0.04 -10.64
CA ASN A 13 -10.13 -1.05 -10.17
C ASN A 13 -8.92 -1.20 -11.11
N PRO A 14 -8.29 -0.10 -11.55
CA PRO A 14 -7.15 -0.24 -12.47
C PRO A 14 -5.89 -0.74 -11.75
N ASN A 15 -5.01 -1.38 -12.50
CA ASN A 15 -3.65 -1.56 -12.01
C ASN A 15 -3.02 -0.19 -11.80
N VAL A 16 -2.25 -0.06 -10.72
CA VAL A 16 -1.35 1.07 -10.51
C VAL A 16 0.10 0.64 -10.58
N ALA A 17 0.36 -0.66 -10.58
CA ALA A 17 1.66 -1.28 -10.81
C ALA A 17 1.37 -2.61 -11.47
N THR A 18 2.43 -3.35 -11.87
CA THR A 18 2.19 -4.58 -12.61
C THR A 18 1.28 -5.51 -11.84
N PHE A 19 1.55 -5.68 -10.54
CA PHE A 19 0.85 -6.69 -9.73
C PHE A 19 0.05 -6.05 -8.58
N ILE A 20 -0.27 -4.77 -8.67
CA ILE A 20 -1.04 -4.09 -7.63
C ILE A 20 -2.16 -3.30 -8.29
N LYS A 21 -3.39 -3.48 -7.80
CA LYS A 21 -4.53 -2.70 -8.27
C LYS A 21 -4.96 -1.67 -7.21
N GLU A 22 -5.49 -0.55 -7.68
CA GLU A 22 -6.14 0.42 -6.80
C GLU A 22 -7.64 0.17 -6.90
N LEU A 23 -8.21 -0.45 -5.87
CA LEU A 23 -9.65 -0.75 -5.83
C LEU A 23 -10.33 0.41 -5.10
N THR A 24 -11.29 1.07 -5.74
CA THR A 24 -12.08 2.11 -5.08
C THR A 24 -13.52 1.63 -4.94
N LEU A 25 -14.02 1.58 -3.71
CA LEU A 25 -15.40 1.20 -3.45
C LEU A 25 -16.20 2.41 -3.00
N ARG A 26 -17.34 2.64 -3.65
CA ARG A 26 -18.24 3.70 -3.26
C ARG A 26 -19.19 3.18 -2.19
N LEU A 27 -19.26 3.89 -1.06
CA LEU A 27 -20.17 3.50 -0.01
C LEU A 27 -21.61 3.82 -0.44
N PRO A 28 -22.58 3.10 0.10
CA PRO A 28 -23.98 3.40 -0.21
C PRO A 28 -24.44 4.68 0.47
N ASP A 29 -25.53 5.24 -0.05
CA ASP A 29 -26.33 6.22 0.70
C ASP A 29 -25.51 7.44 1.11
N GLY A 30 -24.48 7.78 0.34
CA GLY A 30 -23.64 8.92 0.70
C GLY A 30 -22.89 8.79 2.03
N GLU A 31 -22.77 7.59 2.59
CA GLU A 31 -22.08 7.42 3.87
C GLU A 31 -20.57 7.45 3.70
N SER A 32 -19.88 7.60 4.84
CA SER A 32 -18.44 7.45 4.93
C SER A 32 -18.08 6.51 6.09
N VAL A 33 -16.91 5.92 6.00
CA VAL A 33 -16.34 5.11 7.07
C VAL A 33 -15.57 6.04 7.98
N ASP A 34 -15.88 6.03 9.29
CA ASP A 34 -15.20 6.89 10.26
C ASP A 34 -13.91 6.22 10.72
N PHE A 35 -12.92 6.22 9.82
CA PHE A 35 -11.63 5.55 10.07
C PHE A 35 -10.54 6.56 10.37
N ARG A 36 -9.42 6.04 10.86
CA ARG A 36 -8.19 6.82 11.06
C ARG A 36 -7.14 6.36 10.06
N ALA A 37 -6.30 7.32 9.66
CA ALA A 37 -5.23 7.03 8.73
C ALA A 37 -4.32 5.94 9.30
N GLY A 38 -4.04 4.93 8.48
CA GLY A 38 -3.37 3.73 8.91
C GLY A 38 -4.30 2.57 9.19
N GLY A 39 -5.60 2.84 9.33
CA GLY A 39 -6.58 1.81 9.64
C GLY A 39 -6.98 1.00 8.41
N TYR A 40 -7.91 0.07 8.63
CA TYR A 40 -8.26 -0.89 7.59
C TYR A 40 -9.72 -1.29 7.74
N VAL A 41 -10.26 -1.92 6.70
CA VAL A 41 -11.55 -2.61 6.79
C VAL A 41 -11.30 -4.06 6.37
N GLN A 42 -12.30 -4.92 6.59
CA GLN A 42 -12.28 -6.27 6.01
C GLN A 42 -13.18 -6.32 4.79
N LEU A 43 -12.67 -6.92 3.71
CA LEU A 43 -13.50 -7.20 2.55
C LEU A 43 -13.93 -8.66 2.63
N GLU A 44 -15.08 -8.96 2.06
CA GLU A 44 -15.60 -10.33 2.04
C GLU A 44 -15.87 -10.73 0.60
N CYS A 45 -15.66 -12.01 0.30
CA CYS A 45 -16.11 -12.57 -0.97
C CYS A 45 -16.95 -13.79 -0.70
N PRO A 46 -17.93 -14.08 -1.56
CA PRO A 46 -18.69 -15.34 -1.44
C PRO A 46 -17.93 -16.47 -2.09
N PRO A 47 -18.44 -17.70 -2.04
CA PRO A 47 -17.86 -18.80 -2.83
C PRO A 47 -17.86 -18.40 -4.31
N HIS A 48 -16.79 -18.78 -5.02
CA HIS A 48 -16.68 -18.36 -6.41
C HIS A 48 -15.67 -19.23 -7.15
N VAL A 49 -15.56 -18.97 -8.47
CA VAL A 49 -14.43 -19.40 -9.28
C VAL A 49 -13.99 -18.18 -10.07
N VAL A 50 -12.69 -17.88 -10.04
N VAL A 50 -12.68 -17.92 -10.10
CA VAL A 50 -12.16 -16.81 -10.89
CA VAL A 50 -12.15 -16.80 -10.86
C VAL A 50 -11.02 -17.36 -11.75
C VAL A 50 -11.00 -17.30 -11.73
N GLU A 51 -11.02 -16.97 -13.02
CA GLU A 51 -9.94 -17.32 -13.94
C GLU A 51 -9.14 -16.06 -14.23
N TYR A 52 -7.82 -16.13 -14.05
CA TYR A 52 -6.98 -14.94 -14.23
C TYR A 52 -7.12 -14.36 -15.63
N LYS A 53 -7.40 -15.20 -16.65
CA LYS A 53 -7.52 -14.66 -18.01
C LYS A 53 -8.70 -13.70 -18.14
N ASP A 54 -9.63 -13.69 -17.17
CA ASP A 54 -10.75 -12.76 -17.17
C ASP A 54 -10.40 -11.37 -16.64
N PHE A 55 -9.25 -11.21 -15.98
CA PHE A 55 -8.93 -9.94 -15.39
C PHE A 55 -8.77 -8.86 -16.47
N ASP A 56 -9.11 -7.64 -16.10
CA ASP A 56 -8.75 -6.44 -16.85
C ASP A 56 -7.44 -5.90 -16.33
N ILE A 57 -6.37 -6.06 -17.10
CA ILE A 57 -5.03 -5.62 -16.72
C ILE A 57 -4.63 -4.55 -17.73
N GLN A 58 -4.28 -3.36 -17.25
CA GLN A 58 -4.01 -2.27 -18.19
C GLN A 58 -2.82 -2.63 -19.10
N PRO A 59 -2.80 -2.08 -20.33
CA PRO A 59 -1.88 -2.60 -21.38
C PRO A 59 -0.43 -2.64 -21.01
N GLU A 60 0.09 -1.60 -20.33
CA GLU A 60 1.54 -1.54 -20.09
C GLU A 60 2.02 -2.65 -19.16
N TYR A 61 1.12 -3.31 -18.44
CA TYR A 61 1.50 -4.35 -17.47
C TYR A 61 1.39 -5.75 -18.05
N ARG A 62 0.76 -5.90 -19.23
CA ARG A 62 0.38 -7.24 -19.68
C ARG A 62 1.60 -8.09 -20.02
N GLY A 63 2.69 -7.48 -20.50
CA GLY A 63 3.85 -8.26 -20.88
C GLY A 63 4.38 -9.09 -19.72
N ASP A 64 4.37 -8.52 -18.51
CA ASP A 64 4.82 -9.29 -17.37
C ASP A 64 3.78 -10.30 -16.88
N TRP A 65 2.49 -10.08 -17.17
CA TRP A 65 1.53 -11.15 -16.90
C TRP A 65 1.82 -12.36 -17.79
N ASP A 66 2.23 -12.11 -19.05
CA ASP A 66 2.64 -13.20 -19.92
C ASP A 66 3.93 -13.84 -19.39
N LYS A 67 4.93 -13.01 -19.05
CA LYS A 67 6.21 -13.55 -18.62
C LYS A 67 6.06 -14.43 -17.37
N PHE A 68 5.21 -14.01 -16.42
CA PHE A 68 4.99 -14.75 -15.19
C PHE A 68 3.93 -15.84 -15.34
N ASN A 69 3.49 -16.14 -16.56
CA ASN A 69 2.54 -17.22 -16.81
C ASN A 69 1.28 -17.07 -15.96
N MET A 70 0.83 -15.83 -15.79
CA MET A 70 -0.27 -15.56 -14.87
C MET A 70 -1.61 -15.98 -15.44
N TRP A 71 -1.76 -15.96 -16.76
CA TRP A 71 -3.07 -16.13 -17.34
C TRP A 71 -3.64 -17.53 -17.19
N ARG A 72 -2.84 -18.52 -16.82
CA ARG A 72 -3.32 -19.88 -16.65
C ARG A 72 -3.95 -20.12 -15.27
N TYR A 73 -3.76 -19.23 -14.31
CA TYR A 73 -4.22 -19.52 -12.96
C TYR A 73 -5.74 -19.51 -12.88
N VAL A 74 -6.26 -20.41 -12.06
CA VAL A 74 -7.68 -20.47 -11.74
C VAL A 74 -7.79 -20.59 -10.23
N SER A 75 -8.67 -19.82 -9.63
CA SER A 75 -8.88 -19.88 -8.18
C SER A 75 -10.32 -20.30 -7.89
N LYS A 76 -10.47 -21.39 -7.15
CA LYS A 76 -11.77 -21.93 -6.77
C LYS A 76 -11.88 -21.81 -5.27
N VAL A 77 -12.89 -21.08 -4.80
CA VAL A 77 -13.03 -20.74 -3.39
C VAL A 77 -14.40 -21.24 -2.92
N ASP A 78 -14.40 -22.21 -2.00
CA ASP A 78 -15.64 -22.93 -1.66
C ASP A 78 -16.41 -22.35 -0.49
N GLU A 79 -15.91 -21.30 0.15
CA GLU A 79 -16.57 -20.71 1.31
C GLU A 79 -16.24 -19.24 1.36
N THR A 80 -17.08 -18.48 2.03
N THR A 80 -17.10 -18.46 2.02
CA THR A 80 -16.85 -17.07 2.16
CA THR A 80 -16.80 -17.05 2.20
C THR A 80 -15.52 -16.79 2.88
C THR A 80 -15.40 -16.89 2.77
N VAL A 81 -14.78 -15.80 2.39
CA VAL A 81 -13.46 -15.42 2.92
C VAL A 81 -13.53 -13.97 3.33
N ILE A 82 -12.80 -13.62 4.38
CA ILE A 82 -12.62 -12.23 4.80
C ILE A 82 -11.13 -11.94 4.89
N ARG A 83 -10.74 -10.74 4.44
CA ARG A 83 -9.34 -10.31 4.58
C ARG A 83 -9.32 -8.83 4.84
N ALA A 84 -8.32 -8.39 5.59
CA ALA A 84 -8.09 -6.97 5.87
C ALA A 84 -7.36 -6.28 4.73
N TYR A 85 -7.79 -5.06 4.41
CA TYR A 85 -7.06 -4.21 3.46
C TYR A 85 -7.03 -2.80 4.04
N SER A 86 -5.87 -2.13 3.89
CA SER A 86 -5.65 -0.83 4.48
C SER A 86 -6.16 0.29 3.60
N MET A 87 -6.76 1.30 4.19
CA MET A 87 -7.24 2.41 3.38
C MET A 87 -6.06 3.18 2.81
N ALA A 88 -6.10 3.41 1.48
CA ALA A 88 -5.17 4.31 0.82
C ALA A 88 -5.70 5.73 0.82
N ASN A 89 -7.02 5.92 0.94
CA ASN A 89 -7.55 7.25 1.14
C ASN A 89 -7.31 7.68 2.59
N TYR A 90 -7.31 8.98 2.82
CA TYR A 90 -7.31 9.49 4.17
C TYR A 90 -8.69 9.97 4.51
N PRO A 91 -8.97 10.26 5.79
CA PRO A 91 -10.36 10.49 6.19
C PRO A 91 -11.09 11.63 5.50
N GLU A 92 -10.38 12.65 5.00
N GLU A 92 -10.39 12.64 5.01
CA GLU A 92 -11.07 13.75 4.33
CA GLU A 92 -11.09 13.74 4.34
C GLU A 92 -11.60 13.35 2.97
C GLU A 92 -11.54 13.39 2.93
N GLU A 93 -11.13 12.23 2.41
CA GLU A 93 -11.61 11.73 1.13
C GLU A 93 -12.83 10.86 1.40
N GLN A 94 -14.01 11.49 1.32
CA GLN A 94 -15.22 10.89 1.84
C GLN A 94 -15.97 10.08 0.79
N GLY A 95 -16.87 9.23 1.28
CA GLY A 95 -17.77 8.48 0.43
C GLY A 95 -17.21 7.21 -0.15
N VAL A 96 -15.91 6.93 0.07
CA VAL A 96 -15.25 5.79 -0.56
C VAL A 96 -14.30 5.15 0.44
N VAL A 97 -13.92 3.93 0.14
CA VAL A 97 -12.70 3.35 0.70
C VAL A 97 -11.88 2.90 -0.49
N LYS A 98 -10.60 3.25 -0.48
CA LYS A 98 -9.69 2.97 -1.58
C LYS A 98 -8.55 2.11 -1.06
N PHE A 99 -8.06 1.20 -1.91
CA PHE A 99 -7.10 0.21 -1.48
C PHE A 99 -5.99 0.07 -2.51
N ASN A 100 -4.86 -0.44 -2.07
CA ASN A 100 -3.81 -0.95 -2.96
C ASN A 100 -3.65 -2.41 -2.64
N ILE A 101 -3.95 -3.30 -3.60
CA ILE A 101 -4.03 -4.72 -3.33
C ILE A 101 -3.11 -5.46 -4.29
N ARG A 102 -2.15 -6.19 -3.74
N ARG A 102 -2.18 -6.23 -3.74
CA ARG A 102 -1.26 -7.03 -4.52
CA ARG A 102 -1.28 -7.04 -4.53
C ARG A 102 -1.95 -8.35 -4.88
C ARG A 102 -1.93 -8.38 -4.87
N ILE A 103 -1.74 -8.84 -6.09
CA ILE A 103 -2.26 -10.16 -6.48
C ILE A 103 -1.34 -11.23 -5.87
N ALA A 104 -1.87 -12.04 -4.96
CA ALA A 104 -1.08 -13.07 -4.31
C ALA A 104 -1.23 -14.39 -5.07
N SER A 105 -0.64 -14.39 -6.27
CA SER A 105 -0.63 -15.60 -7.10
C SER A 105 0.27 -16.67 -6.49
N PRO A 106 0.20 -17.92 -6.98
CA PRO A 106 1.10 -18.95 -6.49
C PRO A 106 2.55 -18.61 -6.78
N PRO A 107 3.46 -18.92 -5.87
CA PRO A 107 4.90 -18.73 -6.15
C PRO A 107 5.25 -19.35 -7.49
N PRO A 108 6.06 -18.68 -8.34
CA PRO A 108 6.33 -19.25 -9.66
C PRO A 108 6.94 -20.63 -9.52
N GLY A 109 6.37 -21.58 -10.27
CA GLY A 109 6.82 -22.95 -10.23
C GLY A 109 6.03 -23.86 -9.31
N SER A 110 5.28 -23.31 -8.36
CA SER A 110 4.56 -24.16 -7.43
C SER A 110 3.20 -24.59 -7.99
N ASP A 111 2.61 -25.61 -7.37
CA ASP A 111 1.27 -26.06 -7.68
C ASP A 111 0.25 -25.59 -6.64
N LEU A 112 0.58 -24.55 -5.89
CA LEU A 112 -0.26 -24.13 -4.76
C LEU A 112 -1.49 -23.36 -5.27
N PRO A 113 -2.57 -23.34 -4.50
CA PRO A 113 -3.75 -22.56 -4.92
C PRO A 113 -3.44 -21.08 -4.94
N PRO A 114 -3.98 -20.35 -5.89
CA PRO A 114 -3.83 -18.89 -5.87
C PRO A 114 -4.42 -18.27 -4.61
N GLY A 115 -3.96 -17.07 -4.27
CA GLY A 115 -4.53 -16.35 -3.14
C GLY A 115 -6.03 -16.17 -3.29
N GLN A 116 -6.77 -16.48 -2.21
CA GLN A 116 -8.21 -16.53 -2.30
C GLN A 116 -8.83 -15.15 -2.51
N MET A 117 -8.58 -14.20 -1.62
CA MET A 117 -9.29 -12.92 -1.73
C MET A 117 -8.70 -12.05 -2.84
N SER A 118 -7.35 -11.98 -2.93
CA SER A 118 -6.77 -11.07 -3.91
C SER A 118 -7.09 -11.49 -5.35
N SER A 119 -7.17 -12.79 -5.63
CA SER A 119 -7.57 -13.22 -6.99
C SER A 119 -8.97 -12.74 -7.30
N TRP A 120 -9.88 -12.82 -6.32
CA TRP A 120 -11.25 -12.34 -6.52
C TRP A 120 -11.24 -10.83 -6.76
N VAL A 121 -10.48 -10.08 -5.94
CA VAL A 121 -10.40 -8.62 -6.09
C VAL A 121 -9.97 -8.26 -7.51
N PHE A 122 -9.00 -9.00 -8.07
CA PHE A 122 -8.46 -8.64 -9.39
C PHE A 122 -9.48 -8.82 -10.49
N ASN A 123 -10.57 -9.57 -10.27
CA ASN A 123 -11.63 -9.67 -11.26
C ASN A 123 -12.81 -8.75 -10.99
N LEU A 124 -12.70 -7.85 -10.00
CA LEU A 124 -13.80 -6.92 -9.76
C LEU A 124 -13.86 -5.85 -10.84
N LYS A 125 -15.05 -5.62 -11.38
CA LYS A 125 -15.31 -4.63 -12.42
C LYS A 125 -16.15 -3.52 -11.86
N PRO A 126 -16.10 -2.31 -12.43
CA PRO A 126 -17.03 -1.25 -12.01
C PRO A 126 -18.46 -1.78 -11.98
N GLY A 127 -19.18 -1.44 -10.92
CA GLY A 127 -20.54 -1.87 -10.75
C GLY A 127 -20.71 -3.13 -9.90
N ASP A 128 -19.66 -3.92 -9.71
CA ASP A 128 -19.77 -5.09 -8.86
C ASP A 128 -20.01 -4.68 -7.41
N LYS A 129 -20.68 -5.56 -6.66
CA LYS A 129 -20.95 -5.33 -5.25
C LYS A 129 -19.89 -6.00 -4.37
N VAL A 130 -19.46 -5.29 -3.30
CA VAL A 130 -18.50 -5.84 -2.35
C VAL A 130 -18.97 -5.43 -0.96
N THR A 131 -19.01 -6.40 -0.04
CA THR A 131 -19.35 -6.12 1.34
C THR A 131 -18.09 -5.80 2.14
N VAL A 132 -18.18 -4.77 2.96
CA VAL A 132 -17.07 -4.21 3.74
C VAL A 132 -17.48 -4.15 5.21
N TYR A 133 -16.53 -4.47 6.11
CA TYR A 133 -16.76 -4.46 7.55
C TYR A 133 -15.68 -3.64 8.25
N GLY A 134 -16.06 -2.89 9.28
CA GLY A 134 -15.08 -2.16 10.06
C GLY A 134 -15.68 -0.93 10.69
N PRO A 135 -14.85 0.11 10.92
CA PRO A 135 -13.43 0.20 10.63
C PRO A 135 -12.61 -0.39 11.73
N PHE A 136 -11.35 -0.68 11.47
CA PHE A 136 -10.41 -1.24 12.41
C PHE A 136 -9.12 -0.43 12.31
N GLY A 137 -8.22 -0.64 13.26
CA GLY A 137 -6.90 -0.09 13.06
C GLY A 137 -6.04 -0.05 14.29
N GLU A 138 -4.73 -0.09 14.10
CA GLU A 138 -3.76 0.18 15.14
C GLU A 138 -2.52 0.91 14.65
N PHE A 139 -2.28 0.99 13.34
CA PHE A 139 -1.08 1.61 12.76
C PHE A 139 -1.27 3.11 12.69
N PHE A 140 -1.31 3.75 13.87
CA PHE A 140 -1.68 5.16 13.97
C PHE A 140 -0.47 6.04 14.26
N ALA A 141 -0.53 7.27 13.76
CA ALA A 141 0.54 8.24 14.01
C ALA A 141 0.58 8.68 15.45
N LYS A 142 1.79 8.84 15.98
CA LYS A 142 1.92 9.34 17.33
C LYS A 142 1.64 10.84 17.35
N ASP A 143 1.13 11.32 18.47
CA ASP A 143 0.74 12.72 18.62
C ASP A 143 1.87 13.46 19.34
N THR A 144 2.90 13.80 18.57
CA THR A 144 4.09 14.48 19.06
C THR A 144 4.50 15.49 18.01
N GLU A 145 5.64 16.14 18.24
N GLU A 145 5.64 16.15 18.23
CA GLU A 145 6.25 17.01 17.25
CA GLU A 145 6.23 17.00 17.21
C GLU A 145 7.51 16.40 16.65
C GLU A 145 7.50 16.39 16.64
N ALA A 146 7.77 15.12 16.91
CA ALA A 146 9.00 14.50 16.45
C ALA A 146 9.04 14.31 14.94
N GLU A 147 10.26 14.27 14.41
CA GLU A 147 10.47 13.93 13.01
C GLU A 147 9.86 12.57 12.70
N MET A 148 9.25 12.44 11.52
CA MET A 148 8.60 11.20 11.08
C MET A 148 9.33 10.67 9.85
N VAL A 149 9.61 9.37 9.82
CA VAL A 149 10.20 8.72 8.66
C VAL A 149 9.28 7.57 8.26
N PHE A 150 8.66 7.68 7.10
CA PHE A 150 7.79 6.66 6.55
C PHE A 150 8.56 5.82 5.54
N ILE A 151 8.43 4.50 5.62
CA ILE A 151 9.13 3.57 4.74
C ILE A 151 8.12 2.59 4.18
N GLY A 152 8.04 2.50 2.85
CA GLY A 152 7.03 1.64 2.23
C GLY A 152 7.58 0.80 1.10
N GLY A 153 6.85 -0.27 0.82
CA GLY A 153 7.12 -1.10 -0.35
C GLY A 153 5.84 -1.78 -0.78
N GLY A 154 5.68 -2.02 -2.08
CA GLY A 154 4.58 -2.81 -2.55
C GLY A 154 3.24 -2.17 -2.22
N ALA A 155 2.29 -3.02 -1.81
CA ALA A 155 0.96 -2.53 -1.45
C ALA A 155 0.99 -1.81 -0.10
N GLY A 156 2.12 -1.81 0.60
CA GLY A 156 2.31 -0.93 1.76
C GLY A 156 2.15 0.52 1.42
N MET A 157 2.17 0.88 0.13
CA MET A 157 1.86 2.23 -0.26
C MET A 157 0.54 2.71 0.32
N ALA A 158 -0.45 1.81 0.50
CA ALA A 158 -1.78 2.28 0.88
C ALA A 158 -1.76 3.03 2.22
N PRO A 159 -1.32 2.45 3.33
CA PRO A 159 -1.29 3.23 4.58
C PRO A 159 -0.28 4.36 4.55
N MET A 160 0.75 4.27 3.70
CA MET A 160 1.69 5.39 3.57
C MET A 160 0.96 6.61 3.02
N ARG A 161 0.19 6.42 1.94
CA ARG A 161 -0.55 7.54 1.36
C ARG A 161 -1.53 8.10 2.38
N SER A 162 -2.28 7.20 3.05
CA SER A 162 -3.25 7.66 4.05
C SER A 162 -2.56 8.53 5.11
N HIS A 163 -1.45 8.02 5.66
CA HIS A 163 -0.74 8.75 6.72
C HIS A 163 -0.21 10.09 6.24
N ILE A 164 0.40 10.11 5.06
CA ILE A 164 1.08 11.32 4.61
C ILE A 164 0.06 12.42 4.28
N PHE A 165 -1.00 12.06 3.54
CA PHE A 165 -2.05 13.04 3.29
C PHE A 165 -2.68 13.49 4.59
N ASP A 166 -2.84 12.58 5.55
CA ASP A 166 -3.46 12.99 6.81
C ASP A 166 -2.60 14.02 7.53
N GLN A 167 -1.28 13.81 7.57
CA GLN A 167 -0.41 14.78 8.23
C GLN A 167 -0.44 16.11 7.51
N LEU A 168 -0.33 16.08 6.19
CA LEU A 168 -0.07 17.32 5.46
C LEU A 168 -1.35 18.09 5.16
N ARG A 169 -2.45 17.40 4.88
CA ARG A 169 -3.67 18.07 4.44
C ARG A 169 -4.77 18.14 5.48
N ARG A 170 -4.96 17.11 6.31
CA ARG A 170 -5.97 17.26 7.36
C ARG A 170 -5.39 17.99 8.56
N LEU A 171 -4.28 17.51 9.10
CA LEU A 171 -3.65 18.11 10.28
C LEU A 171 -2.85 19.36 9.95
N LYS A 172 -2.55 19.60 8.67
CA LYS A 172 -1.75 20.75 8.26
C LYS A 172 -0.46 20.82 9.09
N SER A 173 0.13 19.66 9.31
CA SER A 173 1.26 19.54 10.21
C SER A 173 2.50 20.23 9.65
N ASN A 174 3.31 20.78 10.55
CA ASN A 174 4.62 21.29 10.19
C ASN A 174 5.77 20.40 10.66
N ARG A 175 5.48 19.19 11.13
CA ARG A 175 6.52 18.26 11.52
C ARG A 175 7.43 17.92 10.33
N LYS A 176 8.70 17.62 10.63
CA LYS A 176 9.61 17.12 9.60
C LYS A 176 9.23 15.69 9.23
N ILE A 177 8.91 15.47 7.96
CA ILE A 177 8.37 14.19 7.48
C ILE A 177 9.09 13.82 6.20
N SER A 178 9.56 12.58 6.12
CA SER A 178 10.08 12.05 4.87
C SER A 178 9.47 10.69 4.59
N PHE A 179 9.43 10.34 3.32
CA PHE A 179 8.85 9.10 2.85
C PHE A 179 9.83 8.45 1.89
N TRP A 180 10.11 7.17 2.11
CA TRP A 180 11.09 6.40 1.35
C TRP A 180 10.37 5.19 0.81
N TYR A 181 10.26 5.06 -0.52
CA TYR A 181 9.52 3.98 -1.15
C TYR A 181 10.46 3.21 -2.06
N GLY A 182 10.50 1.89 -1.90
CA GLY A 182 11.30 1.01 -2.74
C GLY A 182 10.40 0.30 -3.73
N ALA A 183 10.84 0.26 -4.99
CA ALA A 183 10.10 -0.46 -6.03
C ALA A 183 11.11 -1.01 -7.03
N ARG A 184 10.62 -1.89 -7.91
CA ARG A 184 11.55 -2.51 -8.86
C ARG A 184 11.97 -1.49 -9.93
N SER A 185 11.02 -0.78 -10.52
CA SER A 185 11.30 0.12 -11.63
C SER A 185 10.19 1.16 -11.68
N LEU A 186 10.32 2.12 -12.60
CA LEU A 186 9.34 3.22 -12.64
C LEU A 186 7.92 2.73 -12.87
N ARG A 187 7.74 1.68 -13.66
N ARG A 187 7.75 1.66 -13.65
CA ARG A 187 6.40 1.16 -13.88
CA ARG A 187 6.41 1.12 -13.91
C ARG A 187 5.74 0.70 -12.59
C ARG A 187 5.75 0.58 -12.64
N GLU A 188 6.54 0.34 -11.59
CA GLU A 188 6.00 -0.15 -10.31
C GLU A 188 5.80 0.97 -9.31
N ALA A 189 6.11 2.21 -9.66
CA ALA A 189 5.93 3.35 -8.78
C ALA A 189 4.59 4.01 -9.13
N PHE A 190 3.86 4.45 -8.10
CA PHE A 190 2.57 5.10 -8.33
C PHE A 190 2.35 6.16 -7.28
N TYR A 191 1.34 7.01 -7.54
CA TYR A 191 1.09 8.22 -6.74
C TYR A 191 2.25 9.20 -6.79
N THR A 192 3.15 9.05 -7.79
CA THR A 192 4.36 9.87 -7.84
C THR A 192 4.01 11.34 -8.02
N GLU A 193 2.98 11.63 -8.84
CA GLU A 193 2.59 13.01 -9.05
C GLU A 193 2.04 13.61 -7.75
N GLU A 194 1.30 12.82 -6.98
CA GLU A 194 0.76 13.29 -5.70
C GLU A 194 1.88 13.65 -4.73
N TYR A 195 2.88 12.76 -4.59
CA TYR A 195 3.96 13.02 -3.64
C TYR A 195 4.80 14.21 -4.10
N ASP A 196 5.09 14.32 -5.41
CA ASP A 196 5.84 15.47 -5.89
C ASP A 196 5.10 16.77 -5.59
N GLN A 197 3.77 16.75 -5.76
N GLN A 197 3.78 16.77 -5.76
CA GLN A 197 2.96 17.94 -5.47
CA GLN A 197 2.99 17.96 -5.46
C GLN A 197 2.96 18.25 -3.98
C GLN A 197 2.97 18.26 -3.96
N LEU A 198 2.82 17.24 -3.13
CA LEU A 198 2.86 17.47 -1.69
C LEU A 198 4.22 18.03 -1.25
N GLN A 199 5.31 17.54 -1.86
CA GLN A 199 6.64 18.11 -1.55
C GLN A 199 6.75 19.56 -2.01
N ALA A 200 6.18 19.87 -3.16
CA ALA A 200 6.21 21.26 -3.63
C ALA A 200 5.42 22.19 -2.70
N GLU A 201 4.35 21.69 -2.08
CA GLU A 201 3.44 22.50 -1.28
C GLU A 201 3.78 22.52 0.21
N ASN A 202 4.64 21.62 0.67
CA ASN A 202 4.94 21.42 2.08
C ASN A 202 6.43 21.35 2.30
N PRO A 203 7.06 22.46 2.66
CA PRO A 203 8.54 22.45 2.75
C PRO A 203 9.09 21.53 3.83
N ASN A 204 8.26 21.08 4.76
CA ASN A 204 8.62 20.09 5.78
C ASN A 204 8.57 18.65 5.27
N PHE A 205 8.18 18.42 4.04
CA PHE A 205 8.00 17.07 3.53
C PHE A 205 8.95 16.81 2.37
N GLN A 206 9.57 15.63 2.36
CA GLN A 206 10.40 15.20 1.23
C GLN A 206 10.18 13.71 1.01
N TRP A 207 10.18 13.28 -0.25
CA TRP A 207 10.05 11.87 -0.53
C TRP A 207 11.17 11.42 -1.46
N HIS A 208 11.36 10.11 -1.51
CA HIS A 208 12.46 9.48 -2.20
C HIS A 208 12.00 8.14 -2.73
N LEU A 209 12.24 7.93 -4.02
CA LEU A 209 11.96 6.67 -4.69
C LEU A 209 13.27 5.97 -4.98
N ALA A 210 13.42 4.71 -4.55
CA ALA A 210 14.61 3.93 -4.85
C ALA A 210 14.20 2.74 -5.70
N LEU A 211 14.86 2.54 -6.82
CA LEU A 211 14.54 1.44 -7.71
C LEU A 211 15.58 0.33 -7.58
N SER A 212 15.12 -0.92 -7.42
CA SER A 212 16.06 -2.04 -7.34
C SER A 212 16.49 -2.54 -8.72
N ASP A 213 15.66 -2.35 -9.75
CA ASP A 213 15.91 -2.96 -11.06
C ASP A 213 15.41 -1.98 -12.12
N PRO A 214 15.94 -0.77 -12.14
CA PRO A 214 15.48 0.22 -13.10
C PRO A 214 15.61 -0.35 -14.51
N GLN A 215 14.60 -0.10 -15.32
CA GLN A 215 14.52 -0.62 -16.67
C GLN A 215 15.08 0.39 -17.67
N PRO A 216 15.48 -0.05 -18.87
CA PRO A 216 16.14 0.88 -19.79
C PRO A 216 15.30 2.10 -20.11
N GLU A 217 13.99 1.90 -20.24
CA GLU A 217 13.08 2.97 -20.59
C GLU A 217 12.96 3.99 -19.47
N ASP A 218 13.34 3.63 -18.24
CA ASP A 218 13.26 4.58 -17.14
C ASP A 218 14.34 5.66 -17.23
N ASN A 219 15.44 5.40 -17.94
CA ASN A 219 16.57 6.32 -18.00
C ASN A 219 16.92 6.83 -16.61
N TRP A 220 16.96 5.92 -15.64
CA TRP A 220 16.99 6.33 -14.24
C TRP A 220 18.37 6.78 -13.78
N THR A 221 18.42 7.95 -13.14
CA THR A 221 19.65 8.41 -12.51
C THR A 221 19.48 8.67 -11.03
N GLY A 222 18.37 8.21 -10.45
CA GLY A 222 18.07 8.40 -9.05
C GLY A 222 18.59 7.28 -8.17
N LEU A 223 18.01 7.19 -6.97
CA LEU A 223 18.49 6.23 -5.98
C LEU A 223 18.20 4.80 -6.43
N THR A 224 19.14 3.89 -6.15
CA THR A 224 18.97 2.49 -6.54
C THR A 224 19.34 1.58 -5.39
N GLY A 225 18.82 0.37 -5.46
CA GLY A 225 19.08 -0.65 -4.48
C GLY A 225 17.91 -0.86 -3.53
N PHE A 226 18.22 -1.51 -2.42
CA PHE A 226 17.23 -1.82 -1.41
C PHE A 226 16.97 -0.59 -0.53
N ILE A 227 15.70 -0.39 -0.14
CA ILE A 227 15.36 0.83 0.56
C ILE A 227 16.10 0.95 1.90
N HIS A 228 16.36 -0.17 2.59
CA HIS A 228 17.04 -0.05 3.87
C HIS A 228 18.45 0.49 3.70
N ASN A 229 19.15 0.09 2.62
CA ASN A 229 20.48 0.64 2.35
C ASN A 229 20.41 2.09 1.91
N VAL A 230 19.45 2.41 1.05
CA VAL A 230 19.31 3.77 0.54
C VAL A 230 19.02 4.75 1.69
N LEU A 231 18.05 4.40 2.54
CA LEU A 231 17.70 5.28 3.66
C LEU A 231 18.88 5.48 4.59
N PHE A 232 19.63 4.40 4.85
CA PHE A 232 20.81 4.55 5.70
C PHE A 232 21.85 5.46 5.04
N GLU A 233 22.23 5.14 3.81
CA GLU A 233 23.36 5.84 3.20
C GLU A 233 23.03 7.31 2.93
N ASN A 234 21.83 7.59 2.49
CA ASN A 234 21.49 8.92 2.01
C ASN A 234 20.90 9.81 3.09
N TYR A 235 20.67 9.29 4.28
CA TYR A 235 20.04 10.10 5.32
C TYR A 235 20.44 9.72 6.73
N LEU A 236 20.15 8.47 7.14
CA LEU A 236 20.26 8.13 8.57
C LEU A 236 21.70 8.05 9.04
N LYS A 237 22.61 7.60 8.17
CA LYS A 237 24.00 7.41 8.58
C LYS A 237 24.58 8.70 9.15
N ASP A 238 24.18 9.84 8.61
CA ASP A 238 24.74 11.12 9.04
C ASP A 238 23.77 11.93 9.90
N HIS A 239 22.62 11.35 10.26
CA HIS A 239 21.62 12.04 11.03
C HIS A 239 22.14 12.28 12.45
N PRO A 240 21.92 13.47 13.03
CA PRO A 240 22.46 13.76 14.36
C PRO A 240 21.81 12.95 15.48
N ALA A 241 20.55 12.54 15.32
CA ALA A 241 19.83 11.84 16.39
C ALA A 241 18.73 10.98 15.79
N PRO A 242 19.07 9.90 15.09
CA PRO A 242 18.00 9.07 14.50
C PRO A 242 17.10 8.46 15.57
N GLU A 243 17.63 8.20 16.76
CA GLU A 243 16.82 7.63 17.83
C GLU A 243 15.67 8.54 18.23
N ASP A 244 15.74 9.82 17.86
CA ASP A 244 14.68 10.78 18.15
C ASP A 244 13.59 10.80 17.08
N CYS A 245 13.74 10.03 16.01
CA CYS A 245 12.74 9.97 14.97
C CYS A 245 11.71 8.89 15.26
N GLU A 246 10.50 9.07 14.73
CA GLU A 246 9.47 8.03 14.72
C GLU A 246 9.47 7.41 13.32
N PHE A 247 9.58 6.09 13.27
CA PHE A 247 9.63 5.34 12.01
C PHE A 247 8.34 4.56 11.83
N TYR A 248 7.77 4.64 10.63
CA TYR A 248 6.52 3.96 10.32
C TYR A 248 6.77 3.12 9.07
N MET A 249 6.65 1.81 9.18
CA MET A 249 7.09 0.86 8.16
C MET A 249 5.96 -0.01 7.65
N CYS A 250 5.84 -0.14 6.33
CA CYS A 250 4.91 -1.12 5.78
C CYS A 250 5.42 -1.55 4.41
N GLY A 251 5.87 -2.80 4.30
CA GLY A 251 6.34 -3.32 3.03
C GLY A 251 6.18 -4.82 3.00
N PRO A 252 6.75 -5.47 1.98
CA PRO A 252 6.79 -6.95 1.96
C PRO A 252 7.67 -7.47 3.07
N PRO A 253 7.57 -8.75 3.40
CA PRO A 253 8.27 -9.27 4.59
C PRO A 253 9.76 -9.00 4.59
N MET A 254 10.43 -9.18 3.44
CA MET A 254 11.87 -9.02 3.42
C MET A 254 12.26 -7.57 3.69
N MET A 255 11.46 -6.64 3.18
CA MET A 255 11.72 -5.22 3.42
C MET A 255 11.52 -4.88 4.88
N ASN A 256 10.41 -5.34 5.46
CA ASN A 256 10.15 -5.06 6.88
C ASN A 256 11.33 -5.49 7.71
N ALA A 257 11.79 -6.73 7.47
CA ALA A 257 12.87 -7.29 8.29
C ALA A 257 14.17 -6.52 8.10
N ALA A 258 14.52 -6.19 6.86
CA ALA A 258 15.78 -5.52 6.61
C ALA A 258 15.79 -4.10 7.19
N VAL A 259 14.67 -3.36 7.03
CA VAL A 259 14.60 -2.00 7.56
C VAL A 259 14.66 -2.00 9.09
N ILE A 260 13.92 -2.90 9.74
CA ILE A 260 13.94 -2.92 11.20
C ILE A 260 15.31 -3.27 11.72
N LYS A 261 16.00 -4.22 11.07
CA LYS A 261 17.36 -4.56 11.50
C LYS A 261 18.29 -3.38 11.33
N MET A 262 18.22 -2.71 10.19
CA MET A 262 19.07 -1.54 9.97
C MET A 262 18.83 -0.49 11.05
N LEU A 263 17.56 -0.22 11.37
CA LEU A 263 17.24 0.81 12.36
C LEU A 263 17.71 0.41 13.74
N THR A 264 17.45 -0.84 14.15
CA THR A 264 17.87 -1.25 15.48
C THR A 264 19.39 -1.21 15.60
N ASP A 265 20.10 -1.59 14.52
CA ASP A 265 21.56 -1.50 14.53
C ASP A 265 22.03 -0.07 14.73
N LEU A 266 21.30 0.90 14.19
CA LEU A 266 21.67 2.30 14.39
C LEU A 266 21.45 2.78 15.81
N GLY A 267 20.77 1.99 16.64
CA GLY A 267 20.45 2.37 18.00
C GLY A 267 19.04 2.87 18.20
N VAL A 268 18.20 2.85 17.17
CA VAL A 268 16.79 3.22 17.33
C VAL A 268 16.11 2.16 18.19
N GLU A 269 15.33 2.62 19.16
CA GLU A 269 14.62 1.70 20.04
C GLU A 269 13.39 1.16 19.33
N ARG A 270 13.09 -0.12 19.57
CA ARG A 270 11.93 -0.75 18.94
C ARG A 270 10.64 0.03 19.19
N GLU A 271 10.54 0.68 20.36
CA GLU A 271 9.36 1.50 20.66
C GLU A 271 9.18 2.64 19.68
N ASN A 272 10.25 3.06 18.99
CA ASN A 272 10.17 4.16 18.05
C ASN A 272 9.91 3.70 16.63
N ILE A 273 9.65 2.41 16.43
CA ILE A 273 9.40 1.83 15.12
C ILE A 273 8.00 1.24 15.17
N LEU A 274 7.11 1.73 14.31
CA LEU A 274 5.77 1.16 14.22
C LEU A 274 5.67 0.44 12.89
N LEU A 275 5.29 -0.83 12.92
CA LEU A 275 5.21 -1.69 11.75
C LEU A 275 3.75 -2.05 11.50
N ASP A 276 3.33 -1.98 10.25
CA ASP A 276 2.03 -2.47 9.82
C ASP A 276 2.33 -3.75 9.05
N ASP A 277 2.13 -4.89 9.69
CA ASP A 277 2.55 -6.17 9.15
C ASP A 277 1.41 -6.82 8.39
N PHE A 278 1.49 -6.86 7.07
CA PHE A 278 0.42 -7.46 6.28
C PHE A 278 0.44 -8.98 6.36
N GLY A 279 1.46 -9.58 6.97
CA GLY A 279 1.48 -11.00 7.22
C GLY A 279 1.85 -11.84 6.04
N GLY A 280 2.53 -11.26 5.05
CA GLY A 280 2.98 -11.97 3.87
C GLY A 280 4.05 -13.00 4.18
#